data_6SAM
#
_entry.id   6SAM
#
_cell.length_a   154.280
_cell.length_b   154.280
_cell.length_c   127.900
_cell.angle_alpha   90.000
_cell.angle_beta   90.000
_cell.angle_gamma   90.000
#
_symmetry.space_group_name_H-M   'I 4 2 2'
#
loop_
_entity.id
_entity.type
_entity.pdbx_description
1 polymer Cholinesterase
2 branched 2-acetamido-2-deoxy-beta-D-glucopyranose-(1-4)-[alpha-L-fucopyranose-(1-6)]2-acetamido-2-deoxy-beta-D-glucopyranose
3 branched alpha-L-fucopyranose-(1-6)-2-acetamido-2-deoxy-beta-D-glucopyranose
4 non-polymer 'DIMETHYL SULFOXIDE'
5 non-polymer GLYCEROL
6 non-polymer '[(3~{S})-1-(2,3-dihydro-1~{H}-inden-2-yl)piperidin-1-ium-3-yl] ~{N}-phenylcarbamate'
7 non-polymer 2-acetamido-2-deoxy-beta-D-glucopyranose
8 non-polymer 'SULFATE ION'
9 water water
#
_entity_poly.entity_id   1
_entity_poly.type   'polypeptide(L)'
_entity_poly.pdbx_seq_one_letter_code
;EDDIIIATKNGKVRGMQLTVFGGTVTAFLGIPYAQPPLGRLRFKKPQSLTKWSDIWNATKYANSCCQNIDQSFPGFHGSE
MWNPNTDLSEDCLYLNVWIPAPKPKNATVLIWIYGGGFQTGTSSLHVYDGKFLARVERVIVVSMNYRVGALGFLALPGNP
EAPGNMGLFDQQLALQWVQKNIAAFGGNPKSVTLFGESAGAASVSLHLLSPGSHSLFTRAILQSGSFNAPWAVTSLYEAR
NRTLNLAKLTGCSRENETEIIKCLRNKDPQEILLNEAFVVPYGTPLSVNFGPTVDGDFLTDMPDILLELGQFKKTQILVG
VNKDEGTAFLVYGAPGFSKDNNSIITRKEFQEGLKIFFPGVSEFGKESILFHYTDWVDDQRPENYREALGDVVGDYNFIC
PALEFTKKFSEWGNNAFFYYFEHRSSKLPWPEWMGVMHGYEIEFVFGLPLERRDQYTKAEEILSRSIVKRWANFAKYGNP
QETQNQSTSWPVFKSTEQKYLTLNTESTRIMTKLRAQQCRFWTSFFPKV
;
_entity_poly.pdbx_strand_id   A
#
loop_
_chem_comp.id
_chem_comp.type
_chem_comp.name
_chem_comp.formula
DMS non-polymer 'DIMETHYL SULFOXIDE' 'C2 H6 O S'
FUC L-saccharide, alpha linking alpha-L-fucopyranose 'C6 H12 O5'
GOL non-polymer GLYCEROL 'C3 H8 O3'
L3H non-polymer '[(3~{S})-1-(2,3-dihydro-1~{H}-inden-2-yl)piperidin-1-ium-3-yl] ~{N}-phenylcarbamate' 'C21 H25 N2 O2 1'
NAG D-saccharide, beta linking 2-acetamido-2-deoxy-beta-D-glucopyranose 'C8 H15 N O6'
SO4 non-polymer 'SULFATE ION' 'O4 S -2'
#
# COMPACT_ATOMS: atom_id res chain seq x y z
N ILE A 4 22.17 -4.62 23.67
CA ILE A 4 21.56 -5.34 22.56
C ILE A 4 20.28 -6.08 22.94
N ILE A 5 19.84 -5.97 24.20
CA ILE A 5 18.63 -6.65 24.66
C ILE A 5 17.63 -5.58 25.11
N ILE A 6 16.37 -5.77 24.73
CA ILE A 6 15.31 -4.87 25.12
C ILE A 6 14.22 -5.70 25.75
N ALA A 7 13.75 -5.28 26.92
CA ALA A 7 12.68 -5.97 27.61
C ALA A 7 11.34 -5.39 27.15
N THR A 8 10.57 -6.18 26.41
CA THR A 8 9.22 -5.80 26.01
C THR A 8 8.21 -6.45 26.94
N LYS A 9 6.94 -6.05 26.78
CA LYS A 9 5.95 -6.45 27.78
C LYS A 9 5.63 -7.93 27.75
N ASN A 10 6.09 -8.67 26.73
CA ASN A 10 5.88 -10.11 26.67
C ASN A 10 7.17 -10.90 26.78
N GLY A 11 8.30 -10.24 26.96
CA GLY A 11 9.58 -10.93 27.00
C GLY A 11 10.66 -10.04 26.43
N LYS A 12 11.88 -10.58 26.45
CA LYS A 12 13.08 -9.88 25.99
C LYS A 12 13.43 -10.29 24.57
N VAL A 13 13.95 -9.34 23.81
CA VAL A 13 14.33 -9.57 22.44
C VAL A 13 15.77 -9.12 22.24
N ARG A 14 16.54 -9.93 21.52
CA ARG A 14 17.89 -9.57 21.15
C ARG A 14 17.88 -9.04 19.71
N GLY A 15 18.52 -7.89 19.51
CA GLY A 15 18.69 -7.32 18.20
C GLY A 15 20.09 -7.55 17.66
N MET A 16 20.38 -6.85 16.57
CA MET A 16 21.68 -6.96 15.92
C MET A 16 22.10 -5.58 15.45
N GLN A 17 23.41 -5.39 15.32
CA GLN A 17 23.94 -4.09 14.99
C GLN A 17 24.23 -3.98 13.51
N LEU A 18 23.89 -2.84 12.93
CA LEU A 18 24.08 -2.59 11.52
C LEU A 18 24.95 -1.37 11.36
N THR A 19 25.92 -1.44 10.46
CA THR A 19 26.74 -0.28 10.13
C THR A 19 26.13 0.37 8.89
N VAL A 20 25.77 1.63 9.00
CA VAL A 20 25.11 2.37 7.93
C VAL A 20 25.77 3.73 7.85
N PHE A 21 26.22 4.11 6.66
CA PHE A 21 26.79 5.44 6.43
C PHE A 21 27.71 5.86 7.58
N GLY A 22 28.71 5.03 7.84
CA GLY A 22 29.66 5.34 8.90
C GLY A 22 29.07 5.49 10.28
N GLY A 23 27.88 4.95 10.52
CA GLY A 23 27.21 5.00 11.80
C GLY A 23 26.75 3.61 12.20
N THR A 24 25.71 3.57 13.03
CA THR A 24 25.17 2.29 13.49
C THR A 24 23.65 2.41 13.65
N VAL A 25 22.92 1.39 13.19
CA VAL A 25 21.48 1.25 13.41
C VAL A 25 21.26 -0.09 14.08
N THR A 26 20.32 -0.15 15.01
CA THR A 26 19.98 -1.38 15.71
C THR A 26 18.70 -1.95 15.11
N ALA A 27 18.80 -3.16 14.56
CA ALA A 27 17.67 -3.79 13.89
C ALA A 27 17.12 -4.89 14.77
N PHE A 28 15.81 -4.89 14.96
CA PHE A 28 15.08 -5.98 15.59
C PHE A 28 14.19 -6.57 14.49
N LEU A 29 14.66 -7.65 13.87
CA LEU A 29 13.95 -8.28 12.77
C LEU A 29 13.14 -9.47 13.27
N GLY A 30 11.85 -9.49 12.95
CA GLY A 30 11.05 -10.66 13.20
C GLY A 30 10.68 -10.87 14.66
N ILE A 31 10.08 -9.84 15.27
CA ILE A 31 9.44 -9.93 16.58
C ILE A 31 8.00 -10.35 16.37
N PRO A 32 7.50 -11.40 17.05
CA PRO A 32 6.11 -11.77 16.87
C PRO A 32 5.23 -10.78 17.62
N TYR A 33 4.02 -10.56 17.09
CA TYR A 33 3.10 -9.64 17.73
C TYR A 33 1.74 -10.27 17.94
N ALA A 34 1.58 -11.55 17.63
CA ALA A 34 0.30 -12.24 17.78
C ALA A 34 0.52 -13.74 17.84
N GLN A 35 -0.46 -14.45 18.38
CA GLN A 35 -0.48 -15.90 18.24
C GLN A 35 -0.53 -16.30 16.77
N PRO A 36 0.35 -17.19 16.32
CA PRO A 36 0.31 -17.67 14.95
C PRO A 36 -1.10 -18.11 14.57
N PRO A 37 -1.66 -17.56 13.49
CA PRO A 37 -3.07 -17.85 13.20
C PRO A 37 -3.21 -19.17 12.48
N LEU A 38 -2.95 -20.26 13.20
CA LEU A 38 -2.95 -21.60 12.66
C LEU A 38 -4.14 -22.42 13.17
N GLY A 39 -4.40 -23.51 12.47
CA GLY A 39 -5.38 -24.48 12.93
C GLY A 39 -6.74 -23.87 13.19
N ARG A 40 -7.18 -23.96 14.45
CA ARG A 40 -8.44 -23.37 14.87
C ARG A 40 -8.47 -21.87 14.56
N LEU A 41 -7.29 -21.21 14.58
CA LEU A 41 -7.19 -19.76 14.48
C LEU A 41 -7.18 -19.24 13.04
N ARG A 42 -7.04 -20.10 12.03
CA ARG A 42 -7.07 -19.60 10.67
C ARG A 42 -8.41 -18.93 10.40
N PHE A 43 -8.36 -17.77 9.73
CA PHE A 43 -9.46 -16.92 9.30
C PHE A 43 -9.99 -16.04 10.43
N LYS A 44 -9.56 -16.23 11.66
CA LYS A 44 -10.03 -15.40 12.75
C LYS A 44 -9.09 -14.23 12.97
N LYS A 45 -9.60 -13.25 13.72
CA LYS A 45 -8.87 -12.08 14.17
C LYS A 45 -7.59 -12.55 14.86
N PRO A 46 -6.55 -11.73 14.86
CA PRO A 46 -5.31 -12.14 15.54
C PRO A 46 -5.56 -12.21 17.03
N GLN A 47 -4.92 -13.17 17.68
CA GLN A 47 -5.10 -13.40 19.11
C GLN A 47 -3.84 -12.99 19.84
N SER A 48 -4.01 -12.61 21.11
CA SER A 48 -2.92 -12.03 21.88
C SER A 48 -1.82 -13.04 22.18
N LEU A 49 -0.60 -12.55 22.21
CA LEU A 49 0.59 -13.36 22.36
C LEU A 49 0.94 -13.48 23.85
N THR A 50 1.09 -14.71 24.33
CA THR A 50 1.39 -14.91 25.74
C THR A 50 2.90 -14.85 25.99
N LYS A 51 3.23 -14.49 27.22
CA LYS A 51 4.58 -14.20 27.67
C LYS A 51 5.55 -15.31 27.29
N TRP A 52 6.83 -14.94 27.16
CA TRP A 52 7.93 -15.89 27.04
C TRP A 52 9.05 -15.46 27.98
N SER A 53 9.87 -16.43 28.38
CA SER A 53 10.87 -16.25 29.42
C SER A 53 12.28 -16.10 28.88
N ASP A 54 12.54 -16.59 27.68
CA ASP A 54 13.87 -16.59 27.11
C ASP A 54 14.14 -15.22 26.49
N ILE A 55 15.28 -15.12 25.81
CA ILE A 55 15.56 -13.99 24.93
C ILE A 55 15.11 -14.40 23.53
N TRP A 56 14.11 -13.69 23.00
CA TRP A 56 13.72 -13.91 21.61
C TRP A 56 14.79 -13.34 20.69
N ASN A 57 15.33 -14.18 19.81
CA ASN A 57 16.41 -13.73 18.93
C ASN A 57 15.77 -13.10 17.69
N ALA A 58 15.75 -11.77 17.65
CA ALA A 58 15.13 -11.03 16.55
C ALA A 58 16.21 -10.53 15.60
N THR A 59 16.80 -11.48 14.90
CA THR A 59 18.03 -11.25 14.17
C THR A 59 17.91 -11.57 12.69
N LYS A 60 16.71 -11.97 12.23
CA LYS A 60 16.46 -12.23 10.82
C LYS A 60 14.99 -12.02 10.55
N TYR A 61 14.68 -11.60 9.31
CA TYR A 61 13.29 -11.45 8.90
C TYR A 61 12.53 -12.76 9.09
N ALA A 62 11.33 -12.66 9.62
CA ALA A 62 10.51 -13.85 9.85
C ALA A 62 9.84 -14.28 8.55
N ASN A 63 9.09 -15.38 8.62
CA ASN A 63 8.24 -15.85 7.52
C ASN A 63 7.33 -14.74 6.98
N SER A 64 7.20 -14.69 5.64
CA SER A 64 6.16 -13.94 4.96
C SER A 64 4.86 -14.72 4.95
N CYS A 65 3.73 -14.02 4.87
CA CYS A 65 2.43 -14.68 4.86
C CYS A 65 2.18 -15.36 3.51
N CYS A 66 1.42 -16.45 3.56
CA CYS A 66 1.10 -17.24 2.37
C CYS A 66 0.51 -16.36 1.29
N GLN A 67 0.88 -16.61 0.03
CA GLN A 67 0.44 -15.74 -1.05
C GLN A 67 0.86 -16.31 -2.38
N ASN A 68 0.10 -16.01 -3.43
CA ASN A 68 0.51 -16.38 -4.78
C ASN A 68 1.63 -15.47 -5.26
N ILE A 69 2.60 -16.06 -5.93
CA ILE A 69 3.77 -15.34 -6.43
C ILE A 69 3.45 -14.85 -7.84
N ASP A 70 3.94 -13.66 -8.18
CA ASP A 70 3.92 -13.20 -9.57
C ASP A 70 4.99 -13.96 -10.36
N GLN A 71 4.56 -14.91 -11.20
CA GLN A 71 5.41 -15.73 -12.05
C GLN A 71 5.44 -15.26 -13.51
N SER A 72 4.95 -14.06 -13.80
CA SER A 72 4.81 -13.63 -15.18
C SER A 72 6.13 -13.31 -15.86
N PHE A 73 7.19 -12.98 -15.12
CA PHE A 73 8.50 -12.71 -15.73
C PHE A 73 9.62 -13.33 -14.91
N PRO A 74 9.78 -14.65 -14.98
CA PRO A 74 10.83 -15.32 -14.19
C PRO A 74 12.20 -14.74 -14.52
N GLY A 75 13.00 -14.53 -13.47
CA GLY A 75 14.34 -13.99 -13.66
C GLY A 75 14.42 -12.50 -13.90
N PHE A 76 13.30 -11.78 -13.91
CA PHE A 76 13.28 -10.36 -14.24
C PHE A 76 13.14 -9.53 -12.97
N HIS A 77 14.12 -8.66 -12.72
CA HIS A 77 14.16 -7.96 -11.44
C HIS A 77 12.98 -7.02 -11.25
N GLY A 78 12.38 -6.53 -12.35
CA GLY A 78 11.31 -5.57 -12.23
C GLY A 78 10.08 -6.17 -11.54
N SER A 79 9.82 -7.45 -11.78
CA SER A 79 8.73 -8.14 -11.11
C SER A 79 9.18 -8.85 -9.84
N GLU A 80 10.36 -9.47 -9.88
CA GLU A 80 10.73 -10.36 -8.78
C GLU A 80 11.18 -9.60 -7.54
N MET A 81 11.52 -8.32 -7.68
CA MET A 81 11.76 -7.46 -6.52
C MET A 81 10.55 -7.33 -5.60
N TRP A 82 9.35 -7.61 -6.12
CA TRP A 82 8.15 -7.53 -5.28
C TRP A 82 7.74 -8.88 -4.69
N ASN A 83 8.32 -9.98 -5.16
CA ASN A 83 7.99 -11.30 -4.64
C ASN A 83 8.60 -11.50 -3.26
N PRO A 84 7.99 -12.35 -2.43
CA PRO A 84 8.51 -12.56 -1.07
C PRO A 84 9.95 -13.05 -1.11
N ASN A 85 10.79 -12.41 -0.30
CA ASN A 85 12.18 -12.82 -0.11
C ASN A 85 12.35 -13.60 1.18
N THR A 86 11.32 -14.33 1.55
CA THR A 86 11.30 -15.04 2.81
C THR A 86 10.30 -16.17 2.70
N ASP A 87 10.62 -17.30 3.33
CA ASP A 87 9.72 -18.44 3.46
C ASP A 87 8.28 -18.02 3.67
N LEU A 88 7.39 -18.58 2.87
CA LEU A 88 5.96 -18.38 3.13
C LEU A 88 5.51 -19.34 4.20
N SER A 89 4.59 -18.86 5.04
CA SER A 89 3.95 -19.73 6.01
C SER A 89 2.74 -18.98 6.56
N GLU A 90 1.77 -19.73 7.07
CA GLU A 90 0.68 -19.12 7.83
C GLU A 90 1.17 -18.49 9.11
N ASP A 91 2.32 -18.93 9.61
CA ASP A 91 2.88 -18.39 10.85
C ASP A 91 3.77 -17.22 10.43
N CYS A 92 3.13 -16.07 10.26
CA CYS A 92 3.78 -14.91 9.66
C CYS A 92 3.50 -13.59 10.40
N LEU A 93 2.89 -13.62 11.58
CA LEU A 93 2.51 -12.37 12.24
C LEU A 93 3.68 -11.87 13.07
N TYR A 94 4.59 -11.15 12.39
CA TYR A 94 5.79 -10.60 12.99
C TYR A 94 5.96 -9.16 12.51
N LEU A 95 6.82 -8.42 13.21
CA LEU A 95 7.15 -7.05 12.85
C LEU A 95 8.65 -6.78 13.05
N ASN A 96 9.11 -5.69 12.44
CA ASN A 96 10.49 -5.26 12.51
C ASN A 96 10.58 -3.87 13.13
N VAL A 97 11.66 -3.63 13.86
CA VAL A 97 11.96 -2.34 14.48
C VAL A 97 13.39 -1.95 14.14
N TRP A 98 13.57 -0.75 13.59
CA TRP A 98 14.89 -0.15 13.41
C TRP A 98 14.97 1.06 14.33
N ILE A 99 15.97 1.09 15.20
CA ILE A 99 16.16 2.23 16.09
C ILE A 99 17.54 2.82 15.88
N PRO A 100 17.69 4.13 16.01
CA PRO A 100 19.00 4.76 15.77
C PRO A 100 19.97 4.40 16.89
N ALA A 101 21.25 4.43 16.56
CA ALA A 101 22.31 4.27 17.54
C ALA A 101 23.10 5.56 17.62
N PRO A 102 23.32 6.10 18.82
CA PRO A 102 22.83 5.52 20.08
C PRO A 102 21.33 5.67 20.28
N LYS A 103 20.77 4.76 21.08
CA LYS A 103 19.37 4.69 21.47
C LYS A 103 18.79 6.08 21.64
N PRO A 104 17.71 6.40 20.95
CA PRO A 104 17.11 7.72 21.10
C PRO A 104 16.35 7.81 22.41
N LYS A 105 15.88 9.01 22.73
CA LYS A 105 15.19 9.20 23.99
C LYS A 105 13.68 9.30 23.81
N ASN A 106 13.19 10.00 22.79
CA ASN A 106 11.75 10.15 22.55
C ASN A 106 11.52 10.33 21.05
N ALA A 107 11.84 9.28 20.28
CA ALA A 107 11.89 9.35 18.82
C ALA A 107 10.51 9.19 18.19
N THR A 108 10.26 10.00 17.17
CA THR A 108 9.07 9.82 16.35
C THR A 108 9.15 8.46 15.65
N VAL A 109 8.00 7.79 15.56
CA VAL A 109 7.92 6.45 15.02
C VAL A 109 7.21 6.48 13.67
N LEU A 110 7.82 5.84 12.69
CA LEU A 110 7.20 5.62 11.40
C LEU A 110 6.85 4.15 11.23
N ILE A 111 5.58 3.86 10.96
CA ILE A 111 5.11 2.49 10.77
C ILE A 111 4.75 2.29 9.30
N TRP A 112 5.44 1.35 8.65
CA TRP A 112 5.21 1.06 7.24
C TRP A 112 4.17 -0.04 7.07
N ILE A 113 3.24 0.18 6.15
CA ILE A 113 2.28 -0.85 5.75
C ILE A 113 2.48 -1.07 4.26
N TYR A 114 3.00 -2.25 3.89
CA TYR A 114 3.22 -2.57 2.48
C TYR A 114 1.91 -2.81 1.74
N GLY A 115 1.94 -2.61 0.43
CA GLY A 115 0.85 -2.98 -0.44
C GLY A 115 1.13 -4.25 -1.22
N GLY A 116 0.29 -4.49 -2.23
CA GLY A 116 0.32 -5.72 -2.98
C GLY A 116 -1.07 -6.24 -3.26
N GLY A 117 -1.98 -5.31 -3.57
CA GLY A 117 -3.34 -5.66 -3.91
C GLY A 117 -4.13 -6.36 -2.81
N PHE A 118 -3.65 -6.36 -1.57
CA PHE A 118 -4.19 -7.15 -0.46
C PHE A 118 -4.09 -8.64 -0.71
N GLN A 119 -3.37 -9.07 -1.75
CA GLN A 119 -3.17 -10.49 -1.98
C GLN A 119 -1.71 -10.89 -1.84
N THR A 120 -0.78 -9.93 -1.84
CA THR A 120 0.64 -10.20 -1.85
C THR A 120 1.35 -9.15 -1.00
N GLY A 121 2.62 -9.41 -0.70
CA GLY A 121 3.50 -8.42 -0.11
C GLY A 121 4.19 -8.88 1.15
N THR A 122 5.24 -8.16 1.57
CA THR A 122 5.94 -8.60 2.75
C THR A 122 6.87 -7.48 3.18
N SER A 123 6.97 -7.28 4.50
CA SER A 123 7.77 -6.18 5.01
C SER A 123 9.27 -6.41 4.83
N SER A 124 9.70 -7.64 4.55
CA SER A 124 11.13 -7.92 4.42
C SER A 124 11.71 -7.54 3.06
N LEU A 125 10.95 -6.91 2.18
CA LEU A 125 11.51 -6.51 0.89
C LEU A 125 12.65 -5.50 1.07
N HIS A 126 13.63 -5.60 0.18
CA HIS A 126 14.78 -4.70 0.18
C HIS A 126 14.36 -3.23 0.12
N VAL A 127 13.31 -2.90 -0.65
CA VAL A 127 12.91 -1.51 -0.82
C VAL A 127 12.14 -0.98 0.39
N TYR A 128 11.85 -1.83 1.38
CA TYR A 128 11.24 -1.41 2.64
C TYR A 128 12.24 -1.40 3.80
N ASP A 129 13.54 -1.42 3.52
CA ASP A 129 14.55 -1.50 4.56
C ASP A 129 14.62 -0.18 5.32
N GLY A 130 14.22 -0.19 6.60
CA GLY A 130 14.13 1.00 7.39
C GLY A 130 15.41 1.52 8.03
N LYS A 131 16.57 0.94 7.72
CA LYS A 131 17.79 1.36 8.40
C LYS A 131 18.29 2.72 7.92
N PHE A 132 18.06 3.07 6.65
CA PHE A 132 18.52 4.38 6.20
C PHE A 132 17.78 5.50 6.91
N LEU A 133 16.46 5.39 7.05
CA LEU A 133 15.68 6.41 7.75
C LEU A 133 16.10 6.54 9.21
N ALA A 134 16.34 5.42 9.89
CA ALA A 134 16.72 5.51 11.30
C ALA A 134 18.09 6.18 11.44
N ARG A 135 19.04 5.81 10.59
CA ARG A 135 20.35 6.42 10.59
C ARG A 135 20.29 7.92 10.29
N VAL A 136 19.67 8.28 9.17
CA VAL A 136 19.80 9.62 8.61
C VAL A 136 18.92 10.63 9.37
N GLU A 137 17.72 10.23 9.79
CA GLU A 137 16.78 11.14 10.43
C GLU A 137 16.49 10.81 11.90
N ARG A 138 17.08 9.74 12.43
CA ARG A 138 16.86 9.32 13.82
C ARG A 138 15.38 9.19 14.18
N VAL A 139 14.60 8.70 13.23
CA VAL A 139 13.28 8.14 13.53
C VAL A 139 13.42 6.64 13.75
N ILE A 140 12.45 6.08 14.45
CA ILE A 140 12.30 4.64 14.55
C ILE A 140 11.35 4.17 13.48
N VAL A 141 11.75 3.14 12.73
CA VAL A 141 10.91 2.56 11.67
C VAL A 141 10.39 1.19 12.12
N VAL A 142 9.08 1.02 12.00
CA VAL A 142 8.41 -0.23 12.31
C VAL A 142 7.68 -0.68 11.04
N SER A 143 7.75 -1.99 10.75
CA SER A 143 6.97 -2.59 9.68
C SER A 143 6.49 -3.96 10.16
N MET A 144 5.33 -4.39 9.64
CA MET A 144 4.73 -5.64 10.06
C MET A 144 4.27 -6.45 8.84
N ASN A 145 4.23 -7.78 9.02
CA ASN A 145 3.53 -8.65 8.08
C ASN A 145 2.10 -8.82 8.53
N TYR A 146 1.19 -8.81 7.57
CA TYR A 146 -0.23 -9.01 7.83
C TYR A 146 -0.75 -9.97 6.77
N ARG A 147 -1.81 -10.70 7.12
CA ARG A 147 -2.37 -11.71 6.24
C ARG A 147 -3.02 -11.09 5.00
N VAL A 148 -2.80 -11.71 3.86
CA VAL A 148 -3.31 -11.24 2.58
C VAL A 148 -4.09 -12.36 1.90
N GLY A 149 -4.81 -12.00 0.84
CA GLY A 149 -5.63 -12.97 0.16
C GLY A 149 -6.74 -13.49 1.06
N ALA A 150 -7.28 -14.64 0.66
CA ALA A 150 -8.40 -15.20 1.41
C ALA A 150 -8.01 -15.49 2.85
N LEU A 151 -6.76 -15.85 3.11
CA LEU A 151 -6.36 -16.10 4.49
C LEU A 151 -6.43 -14.84 5.33
N GLY A 152 -6.39 -13.66 4.69
CA GLY A 152 -6.47 -12.39 5.38
C GLY A 152 -7.80 -11.66 5.30
N PHE A 153 -8.65 -11.95 4.29
CA PHE A 153 -9.81 -11.11 4.07
C PHE A 153 -11.06 -11.90 3.65
N LEU A 154 -11.06 -13.22 3.83
CA LEU A 154 -12.28 -14.01 3.59
C LEU A 154 -13.38 -13.52 4.51
N ALA A 155 -14.57 -13.29 3.96
CA ALA A 155 -15.63 -12.63 4.73
C ALA A 155 -16.90 -13.49 4.75
N LEU A 156 -17.31 -13.89 5.95
CA LEU A 156 -18.68 -14.27 6.27
C LEU A 156 -19.18 -13.22 7.26
N PRO A 157 -19.80 -12.14 6.80
CA PRO A 157 -20.06 -11.00 7.69
C PRO A 157 -20.90 -11.38 8.88
N GLY A 158 -20.39 -11.02 10.08
CA GLY A 158 -21.00 -11.35 11.34
C GLY A 158 -20.42 -12.58 12.02
N ASN A 159 -19.75 -13.46 11.27
CA ASN A 159 -19.37 -14.77 11.74
C ASN A 159 -17.91 -14.74 12.21
N PRO A 160 -17.63 -14.78 13.52
CA PRO A 160 -16.23 -14.64 13.97
C PRO A 160 -15.30 -15.76 13.49
N GLU A 161 -15.84 -16.83 12.87
CA GLU A 161 -14.98 -17.83 12.25
C GLU A 161 -14.31 -17.29 11.00
N ALA A 162 -14.94 -16.31 10.35
CA ALA A 162 -14.42 -15.68 9.15
C ALA A 162 -15.09 -14.31 8.99
N PRO A 163 -14.77 -13.34 9.86
CA PRO A 163 -15.54 -12.09 9.88
C PRO A 163 -15.10 -11.10 8.83
N GLY A 164 -13.91 -11.27 8.27
CA GLY A 164 -13.36 -10.34 7.31
C GLY A 164 -12.37 -9.41 7.97
N ASN A 165 -11.59 -8.73 7.13
CA ASN A 165 -10.67 -7.68 7.56
C ASN A 165 -9.61 -8.18 8.54
N MET A 166 -9.33 -9.49 8.56
CA MET A 166 -8.33 -9.99 9.49
C MET A 166 -6.96 -9.34 9.28
N GLY A 167 -6.55 -9.17 8.02
CA GLY A 167 -5.26 -8.53 7.74
C GLY A 167 -5.18 -7.11 8.26
N LEU A 168 -6.27 -6.35 8.12
CA LEU A 168 -6.36 -5.04 8.75
C LEU A 168 -6.21 -5.15 10.27
N PHE A 169 -6.89 -6.13 10.89
CA PHE A 169 -6.71 -6.32 12.32
C PHE A 169 -5.30 -6.81 12.66
N ASP A 170 -4.65 -7.57 11.78
CA ASP A 170 -3.23 -7.86 12.01
C ASP A 170 -2.44 -6.57 12.14
N GLN A 171 -2.56 -5.70 11.12
CA GLN A 171 -1.97 -4.36 11.18
C GLN A 171 -2.31 -3.67 12.50
N GLN A 172 -3.60 -3.72 12.88
CA GLN A 172 -4.03 -2.95 14.05
C GLN A 172 -3.36 -3.47 15.32
N LEU A 173 -3.29 -4.78 15.47
CA LEU A 173 -2.58 -5.35 16.62
C LEU A 173 -1.12 -4.93 16.60
N ALA A 174 -0.52 -4.80 15.42
CA ALA A 174 0.86 -4.35 15.37
C ALA A 174 0.97 -2.90 15.86
N LEU A 175 0.09 -2.02 15.38
CA LEU A 175 0.04 -0.64 15.88
C LEU A 175 -0.08 -0.63 17.40
N GLN A 176 -1.00 -1.45 17.91
CA GLN A 176 -1.16 -1.62 19.34
C GLN A 176 0.15 -2.05 20.02
N TRP A 177 0.92 -2.93 19.37
CA TRP A 177 2.18 -3.37 19.96
C TRP A 177 3.15 -2.20 20.09
N VAL A 178 3.16 -1.30 19.10
CA VAL A 178 4.01 -0.12 19.19
C VAL A 178 3.52 0.78 20.32
N GLN A 179 2.19 0.85 20.53
CA GLN A 179 1.70 1.64 21.64
C GLN A 179 2.22 1.12 22.98
N LYS A 180 2.16 -0.20 23.18
CA LYS A 180 2.54 -0.75 24.48
C LYS A 180 4.04 -0.91 24.67
N ASN A 181 4.83 -0.96 23.60
CA ASN A 181 6.22 -1.40 23.72
C ASN A 181 7.28 -0.44 23.18
N ILE A 182 6.91 0.53 22.34
CA ILE A 182 7.95 1.26 21.61
C ILE A 182 8.77 2.16 22.53
N ALA A 183 8.22 2.57 23.68
CA ALA A 183 8.99 3.40 24.59
C ALA A 183 10.24 2.67 25.07
N ALA A 184 10.14 1.35 25.34
CA ALA A 184 11.31 0.58 25.76
C ALA A 184 12.45 0.67 24.76
N PHE A 185 12.14 0.85 23.47
CA PHE A 185 13.14 1.05 22.41
C PHE A 185 13.53 2.51 22.24
N GLY A 186 12.95 3.43 23.01
CA GLY A 186 13.26 4.83 22.87
C GLY A 186 12.36 5.59 21.90
N GLY A 187 11.20 5.04 21.55
CA GLY A 187 10.27 5.72 20.69
C GLY A 187 9.18 6.40 21.48
N ASN A 188 8.62 7.44 20.88
CA ASN A 188 7.50 8.17 21.46
C ASN A 188 6.18 7.61 20.95
N PRO A 189 5.41 6.86 21.76
CA PRO A 189 4.11 6.36 21.29
C PRO A 189 3.10 7.45 20.97
N LYS A 190 3.36 8.70 21.37
CA LYS A 190 2.49 9.80 21.02
C LYS A 190 2.86 10.47 19.71
N SER A 191 3.92 10.00 19.01
CA SER A 191 4.38 10.56 17.74
C SER A 191 4.60 9.42 16.74
N VAL A 192 3.49 8.86 16.26
CA VAL A 192 3.47 7.69 15.39
C VAL A 192 2.83 8.08 14.06
N THR A 193 3.58 7.94 12.98
CA THR A 193 3.04 8.20 11.65
C THR A 193 2.97 6.89 10.87
N LEU A 194 1.76 6.51 10.46
CA LEU A 194 1.59 5.41 9.53
C LEU A 194 1.98 5.92 8.15
N PHE A 195 2.73 5.10 7.40
CA PHE A 195 2.84 5.32 5.97
C PHE A 195 2.82 3.98 5.23
N GLY A 196 2.32 4.01 3.98
CA GLY A 196 2.12 2.84 3.16
C GLY A 196 1.95 3.22 1.70
N GLU A 197 2.06 2.22 0.82
CA GLU A 197 1.96 2.43 -0.61
C GLU A 197 0.94 1.48 -1.23
N SER A 198 0.15 2.00 -2.16
CA SER A 198 -0.88 1.28 -2.91
C SER A 198 -1.89 0.63 -1.94
N ALA A 199 -1.99 -0.71 -1.87
CA ALA A 199 -2.92 -1.29 -0.90
C ALA A 199 -2.53 -0.95 0.52
N GLY A 200 -1.22 -0.77 0.79
CA GLY A 200 -0.81 -0.27 2.09
C GLY A 200 -1.36 1.13 2.36
N ALA A 201 -1.26 2.02 1.37
CA ALA A 201 -1.86 3.35 1.47
C ALA A 201 -3.37 3.25 1.75
N ALA A 202 -4.10 2.46 0.95
CA ALA A 202 -5.51 2.24 1.25
C ALA A 202 -5.70 1.69 2.66
N SER A 203 -4.82 0.80 3.12
CA SER A 203 -4.90 0.36 4.52
C SER A 203 -4.72 1.54 5.49
N VAL A 204 -3.75 2.40 5.22
CA VAL A 204 -3.55 3.55 6.10
C VAL A 204 -4.80 4.41 6.16
N SER A 205 -5.44 4.63 5.00
CA SER A 205 -6.63 5.47 4.99
C SER A 205 -7.78 4.83 5.76
N LEU A 206 -7.84 3.50 5.78
CA LEU A 206 -8.92 2.85 6.52
C LEU A 206 -8.68 2.89 8.01
N HIS A 207 -7.43 3.01 8.44
CA HIS A 207 -7.17 3.27 9.86
C HIS A 207 -7.61 4.67 10.27
N LEU A 208 -7.59 5.63 9.34
CA LEU A 208 -8.18 6.94 9.60
C LEU A 208 -9.69 6.83 9.84
N LEU A 209 -10.32 5.79 9.32
CA LEU A 209 -11.75 5.59 9.44
C LEU A 209 -12.15 4.69 10.61
N SER A 210 -11.25 3.81 11.07
CA SER A 210 -11.64 2.81 12.05
C SER A 210 -11.48 3.37 13.44
N PRO A 211 -12.54 3.42 14.24
CA PRO A 211 -12.41 4.01 15.59
C PRO A 211 -11.44 3.26 16.48
N GLY A 212 -11.33 1.93 16.31
CA GLY A 212 -10.37 1.15 17.07
C GLY A 212 -8.93 1.49 16.79
N SER A 213 -8.64 2.26 15.73
CA SER A 213 -7.27 2.70 15.48
C SER A 213 -7.01 4.15 15.85
N HIS A 214 -8.06 4.94 16.09
N HIS A 214 -8.04 4.94 16.14
CA HIS A 214 -7.94 6.38 16.38
CA HIS A 214 -7.81 6.37 16.26
C HIS A 214 -6.77 6.65 17.31
C HIS A 214 -6.80 6.72 17.35
N SER A 215 -6.70 5.90 18.40
CA SER A 215 -5.76 6.17 19.47
C SER A 215 -4.41 5.51 19.27
N LEU A 216 -4.20 4.84 18.12
CA LEU A 216 -3.00 4.08 17.85
C LEU A 216 -2.00 4.78 16.95
N PHE A 217 -2.32 5.99 16.46
CA PHE A 217 -1.36 6.72 15.62
C PHE A 217 -1.70 8.21 15.59
N THR A 218 -0.72 9.00 15.17
CA THR A 218 -0.85 10.47 15.15
C THR A 218 -1.24 11.03 13.78
N ARG A 219 -0.48 10.65 12.75
CA ARG A 219 -0.55 11.23 11.41
C ARG A 219 -0.55 10.11 10.38
N ALA A 220 -0.70 10.49 9.11
CA ALA A 220 -0.85 9.48 8.05
C ALA A 220 -0.26 9.98 6.75
N ILE A 221 0.37 9.05 6.03
CA ILE A 221 0.98 9.30 4.72
C ILE A 221 0.44 8.23 3.76
N LEU A 222 -0.09 8.67 2.62
CA LEU A 222 -0.78 7.78 1.67
C LEU A 222 -0.09 7.86 0.30
N GLN A 223 0.75 6.87 0.01
CA GLN A 223 1.48 6.82 -1.27
C GLN A 223 0.70 5.95 -2.26
N SER A 224 0.16 6.58 -3.31
CA SER A 224 -0.44 5.87 -4.45
C SER A 224 -1.59 4.95 -4.05
N GLY A 225 -2.44 5.40 -3.14
CA GLY A 225 -3.57 4.58 -2.76
C GLY A 225 -4.50 5.21 -1.75
N SER A 226 -5.78 4.80 -1.75
CA SER A 226 -6.73 5.26 -0.75
C SER A 226 -7.96 4.38 -0.83
N PHE A 227 -8.72 4.33 0.29
CA PHE A 227 -9.82 3.36 0.37
C PHE A 227 -10.88 3.60 -0.70
N ASN A 228 -11.01 4.82 -1.17
CA ASN A 228 -12.06 5.09 -2.15
C ASN A 228 -11.65 4.68 -3.55
N ALA A 229 -10.49 4.05 -3.72
CA ALA A 229 -10.10 3.53 -5.03
C ALA A 229 -11.04 2.37 -5.42
N PRO A 230 -11.34 2.21 -6.71
CA PRO A 230 -12.37 1.22 -7.09
C PRO A 230 -12.00 -0.20 -6.69
N TRP A 231 -10.70 -0.53 -6.57
CA TRP A 231 -10.20 -1.86 -6.21
C TRP A 231 -10.09 -2.09 -4.70
N ALA A 232 -10.40 -1.10 -3.86
CA ALA A 232 -9.92 -1.13 -2.49
C ALA A 232 -10.88 -1.77 -1.49
N VAL A 233 -12.19 -1.75 -1.76
CA VAL A 233 -13.19 -2.32 -0.85
C VAL A 233 -14.05 -3.32 -1.61
N THR A 234 -14.10 -4.56 -1.13
CA THR A 234 -15.00 -5.58 -1.69
C THR A 234 -16.40 -5.42 -1.12
N SER A 235 -17.40 -5.52 -1.99
CA SER A 235 -18.78 -5.43 -1.54
C SER A 235 -19.16 -6.64 -0.69
N LEU A 236 -20.25 -6.50 0.08
CA LEU A 236 -20.75 -7.66 0.80
C LEU A 236 -21.36 -8.68 -0.14
N TYR A 237 -22.00 -8.22 -1.23
CA TYR A 237 -22.43 -9.14 -2.28
C TYR A 237 -21.26 -9.97 -2.77
N GLU A 238 -20.27 -9.32 -3.40
CA GLU A 238 -19.22 -10.11 -4.02
C GLU A 238 -18.37 -10.85 -2.97
N ALA A 239 -18.25 -10.34 -1.76
CA ALA A 239 -17.50 -11.11 -0.77
C ALA A 239 -18.16 -12.45 -0.53
N ARG A 240 -19.48 -12.43 -0.31
CA ARG A 240 -20.25 -13.67 -0.15
C ARG A 240 -20.09 -14.57 -1.38
N ASN A 241 -20.36 -14.04 -2.58
CA ASN A 241 -20.21 -14.83 -3.80
C ASN A 241 -18.81 -15.43 -3.90
N ARG A 242 -17.80 -14.67 -3.49
CA ARG A 242 -16.42 -15.16 -3.58
C ARG A 242 -16.14 -16.18 -2.49
N THR A 243 -16.63 -15.94 -1.27
CA THR A 243 -16.49 -16.94 -0.22
C THR A 243 -17.14 -18.26 -0.62
N LEU A 244 -18.30 -18.22 -1.28
CA LEU A 244 -18.95 -19.47 -1.64
C LEU A 244 -18.29 -20.14 -2.85
N ASN A 245 -17.90 -19.36 -3.85
CA ASN A 245 -17.16 -19.97 -4.97
C ASN A 245 -15.88 -20.63 -4.50
N LEU A 246 -15.20 -20.06 -3.50
CA LEU A 246 -14.06 -20.75 -2.91
C LEU A 246 -14.50 -22.06 -2.25
N ALA A 247 -15.66 -22.03 -1.56
CA ALA A 247 -16.17 -23.24 -0.91
C ALA A 247 -16.42 -24.36 -1.91
N LYS A 248 -17.20 -24.10 -2.96
CA LYS A 248 -17.47 -25.16 -3.91
C LYS A 248 -16.19 -25.57 -4.65
N LEU A 249 -15.29 -24.62 -4.93
CA LEU A 249 -14.04 -24.98 -5.61
C LEU A 249 -13.17 -25.92 -4.79
N THR A 250 -13.46 -26.11 -3.50
CA THR A 250 -12.64 -26.97 -2.65
C THR A 250 -13.46 -28.10 -2.02
N GLY A 251 -14.70 -28.29 -2.44
CA GLY A 251 -15.52 -29.32 -1.83
C GLY A 251 -16.00 -28.99 -0.45
N CYS A 252 -15.94 -27.72 -0.06
CA CYS A 252 -16.33 -27.30 1.28
C CYS A 252 -17.70 -26.67 1.30
N SER A 253 -18.45 -26.73 0.19
CA SER A 253 -19.83 -26.27 0.23
C SER A 253 -20.62 -27.01 1.30
N ARG A 254 -21.26 -26.24 2.18
CA ARG A 254 -22.17 -26.77 3.18
C ARG A 254 -23.35 -25.82 3.23
N GLU A 255 -24.28 -26.10 4.14
CA GLU A 255 -25.37 -25.17 4.42
C GLU A 255 -25.15 -24.40 5.71
N ASN A 256 -24.41 -24.97 6.67
CA ASN A 256 -24.33 -24.39 8.01
C ASN A 256 -23.54 -23.09 8.04
N GLU A 257 -22.63 -22.88 7.08
CA GLU A 257 -21.77 -21.69 6.96
C GLU A 257 -20.56 -21.77 7.90
N THR A 258 -20.80 -21.96 9.18
CA THR A 258 -19.68 -22.21 10.10
C THR A 258 -19.00 -23.53 9.79
N GLU A 259 -19.74 -24.50 9.25
CA GLU A 259 -19.14 -25.76 8.84
C GLU A 259 -18.40 -25.65 7.52
N ILE A 260 -18.68 -24.61 6.73
CA ILE A 260 -17.83 -24.30 5.60
C ILE A 260 -16.46 -23.85 6.07
N ILE A 261 -16.42 -22.98 7.08
CA ILE A 261 -15.15 -22.52 7.61
C ILE A 261 -14.36 -23.68 8.19
N LYS A 262 -15.03 -24.52 9.00
CA LYS A 262 -14.36 -25.69 9.55
C LYS A 262 -13.78 -26.56 8.44
N CYS A 263 -14.54 -26.70 7.35
CA CYS A 263 -14.03 -27.44 6.20
C CYS A 263 -12.84 -26.73 5.57
N LEU A 264 -12.92 -25.41 5.41
CA LEU A 264 -11.82 -24.68 4.80
C LEU A 264 -10.60 -24.70 5.66
N ARG A 265 -10.75 -24.96 6.96
CA ARG A 265 -9.61 -24.96 7.86
C ARG A 265 -8.73 -26.19 7.73
N ASN A 266 -9.23 -27.27 7.13
CA ASN A 266 -8.46 -28.48 6.95
C ASN A 266 -7.88 -28.61 5.55
N LYS A 267 -8.10 -27.63 4.68
CA LYS A 267 -7.37 -27.59 3.44
C LYS A 267 -5.97 -27.03 3.68
N ASP A 268 -5.02 -27.45 2.84
CA ASP A 268 -3.66 -26.94 2.93
C ASP A 268 -3.59 -25.52 2.37
N PRO A 269 -2.71 -24.69 2.90
CA PRO A 269 -2.57 -23.34 2.36
C PRO A 269 -2.52 -23.31 0.84
N GLN A 270 -1.85 -24.29 0.21
CA GLN A 270 -1.69 -24.24 -1.24
C GLN A 270 -3.03 -24.37 -1.93
N GLU A 271 -3.90 -25.26 -1.44
CA GLU A 271 -5.17 -25.46 -2.12
C GLU A 271 -6.04 -24.21 -2.03
N ILE A 272 -5.93 -23.48 -0.92
CA ILE A 272 -6.69 -22.23 -0.81
C ILE A 272 -6.10 -21.17 -1.72
N LEU A 273 -4.77 -21.14 -1.86
CA LEU A 273 -4.14 -20.17 -2.75
C LEU A 273 -4.48 -20.45 -4.21
N LEU A 274 -4.43 -21.73 -4.61
CA LEU A 274 -4.64 -22.06 -6.03
C LEU A 274 -6.04 -21.68 -6.48
N ASN A 275 -7.01 -21.75 -5.58
CA ASN A 275 -8.39 -21.51 -5.97
C ASN A 275 -8.82 -20.05 -5.85
N GLU A 276 -8.06 -19.22 -5.11
CA GLU A 276 -8.39 -17.80 -5.02
C GLU A 276 -8.50 -17.15 -6.40
N ALA A 277 -7.71 -17.62 -7.37
CA ALA A 277 -7.66 -16.93 -8.66
C ALA A 277 -9.01 -16.97 -9.37
N PHE A 278 -9.78 -18.03 -9.18
CA PHE A 278 -10.98 -18.28 -9.97
C PHE A 278 -12.28 -17.96 -9.24
N VAL A 279 -12.23 -17.31 -8.07
CA VAL A 279 -13.50 -17.00 -7.41
C VAL A 279 -14.26 -15.89 -8.13
N VAL A 280 -13.63 -15.19 -9.05
CA VAL A 280 -14.30 -14.18 -9.87
C VAL A 280 -14.34 -14.68 -11.32
N PRO A 281 -15.44 -14.48 -12.04
CA PRO A 281 -15.49 -14.97 -13.43
C PRO A 281 -14.51 -14.29 -14.36
N TYR A 282 -14.36 -12.98 -14.27
CA TYR A 282 -13.49 -12.22 -15.17
C TYR A 282 -12.61 -11.30 -14.33
N GLY A 283 -11.35 -11.67 -14.14
CA GLY A 283 -10.43 -10.84 -13.40
C GLY A 283 -9.70 -9.84 -14.27
N THR A 284 -9.08 -8.88 -13.63
CA THR A 284 -8.28 -7.85 -14.28
C THR A 284 -6.90 -7.84 -13.66
N PRO A 285 -5.92 -7.19 -14.29
CA PRO A 285 -4.61 -7.04 -13.63
C PRO A 285 -4.69 -6.33 -12.30
N LEU A 286 -5.82 -5.70 -11.99
CA LEU A 286 -6.04 -5.00 -10.73
C LEU A 286 -7.03 -5.74 -9.84
N SER A 287 -7.22 -7.04 -10.05
CA SER A 287 -8.23 -7.74 -9.29
C SER A 287 -7.82 -7.82 -7.83
N VAL A 288 -8.79 -7.70 -6.93
CA VAL A 288 -8.56 -7.89 -5.51
C VAL A 288 -9.58 -8.92 -5.04
N ASN A 289 -9.27 -10.20 -5.25
CA ASN A 289 -10.26 -11.26 -5.02
C ASN A 289 -10.77 -11.20 -3.60
N PHE A 290 -9.90 -10.91 -2.64
CA PHE A 290 -10.24 -10.91 -1.22
C PHE A 290 -9.61 -9.68 -0.58
N GLY A 291 -10.42 -8.67 -0.31
CA GLY A 291 -9.95 -7.43 0.28
C GLY A 291 -10.80 -6.92 1.43
N PRO A 292 -10.55 -5.68 1.86
CA PRO A 292 -11.36 -5.11 2.95
C PRO A 292 -12.85 -5.15 2.64
N THR A 293 -13.65 -5.34 3.68
CA THR A 293 -15.10 -5.30 3.57
C THR A 293 -15.66 -4.50 4.72
N VAL A 294 -16.90 -4.06 4.56
CA VAL A 294 -17.61 -3.47 5.67
C VAL A 294 -18.00 -4.62 6.59
N ASP A 295 -17.14 -4.94 7.53
CA ASP A 295 -17.40 -6.02 8.48
C ASP A 295 -18.25 -5.60 9.68
N GLY A 296 -18.58 -4.32 9.82
CA GLY A 296 -19.25 -3.90 11.04
C GLY A 296 -18.39 -3.95 12.29
N ASP A 297 -17.10 -4.20 12.16
CA ASP A 297 -16.20 -4.23 13.31
C ASP A 297 -15.05 -3.27 13.08
N PHE A 298 -14.11 -3.61 12.19
CA PHE A 298 -13.10 -2.64 11.81
C PHE A 298 -13.71 -1.45 11.08
N LEU A 299 -14.71 -1.71 10.23
CA LEU A 299 -15.29 -0.74 9.31
C LEU A 299 -16.80 -0.73 9.49
N THR A 300 -17.34 0.33 10.09
CA THR A 300 -18.72 0.31 10.58
C THR A 300 -19.75 0.69 9.52
N ASP A 301 -19.32 1.13 8.35
CA ASP A 301 -20.24 1.63 7.33
C ASP A 301 -19.41 1.75 6.06
N MET A 302 -20.10 1.93 4.97
CA MET A 302 -19.41 2.02 3.70
C MET A 302 -18.51 3.24 3.71
N PRO A 303 -17.23 3.09 3.42
CA PRO A 303 -16.27 4.20 3.66
C PRO A 303 -16.55 5.47 2.88
N ASP A 304 -17.16 5.39 1.70
CA ASP A 304 -17.49 6.63 0.99
C ASP A 304 -18.42 7.49 1.82
N ILE A 305 -19.36 6.87 2.55
CA ILE A 305 -20.23 7.65 3.43
C ILE A 305 -19.43 8.28 4.58
N LEU A 306 -18.54 7.51 5.22
CA LEU A 306 -17.80 8.06 6.35
C LEU A 306 -16.95 9.25 5.90
N LEU A 307 -16.22 9.07 4.78
CA LEU A 307 -15.46 10.17 4.20
C LEU A 307 -16.35 11.36 3.94
N GLU A 308 -17.45 11.13 3.22
CA GLU A 308 -18.31 12.23 2.80
C GLU A 308 -18.85 13.00 4.00
N LEU A 309 -19.06 12.32 5.14
CA LEU A 309 -19.73 12.93 6.27
C LEU A 309 -18.78 13.20 7.44
N GLY A 310 -17.48 13.31 7.17
CA GLY A 310 -16.52 13.75 8.17
C GLY A 310 -16.23 12.78 9.30
N GLN A 311 -16.51 11.49 9.12
CA GLN A 311 -16.36 10.50 10.19
C GLN A 311 -14.99 9.85 10.06
N PHE A 312 -13.97 10.52 10.59
CA PHE A 312 -12.62 9.98 10.56
C PHE A 312 -11.74 10.77 11.51
N LYS A 313 -10.57 10.21 11.80
CA LYS A 313 -9.61 10.85 12.69
C LYS A 313 -9.13 12.18 12.09
N LYS A 314 -9.26 13.25 12.87
CA LYS A 314 -8.88 14.59 12.44
C LYS A 314 -7.40 14.82 12.73
N THR A 315 -6.60 14.98 11.68
CA THR A 315 -5.15 15.06 11.79
C THR A 315 -4.60 15.39 10.41
N GLN A 316 -3.29 15.56 10.31
CA GLN A 316 -2.69 15.92 9.02
C GLN A 316 -2.49 14.66 8.20
N ILE A 317 -2.58 14.81 6.87
CA ILE A 317 -2.28 13.72 5.96
C ILE A 317 -1.31 14.22 4.89
N LEU A 318 -0.49 13.31 4.41
CA LEU A 318 0.38 13.52 3.28
C LEU A 318 -0.02 12.52 2.22
N VAL A 319 -0.40 13.01 1.04
CA VAL A 319 -0.98 12.17 -0.01
C VAL A 319 -0.25 12.46 -1.33
N GLY A 320 -0.10 11.43 -2.16
CA GLY A 320 0.47 11.68 -3.46
C GLY A 320 0.41 10.46 -4.35
N VAL A 321 0.81 10.68 -5.61
CA VAL A 321 0.74 9.66 -6.65
C VAL A 321 1.94 9.84 -7.58
N ASN A 322 2.13 8.87 -8.47
CA ASN A 322 3.21 8.88 -9.43
C ASN A 322 2.65 9.15 -10.81
N LYS A 323 3.51 9.72 -11.66
CA LYS A 323 3.07 10.17 -12.98
C LYS A 323 2.51 9.04 -13.85
N ASP A 324 2.99 7.81 -13.69
CA ASP A 324 2.59 6.73 -14.59
C ASP A 324 2.10 5.50 -13.81
N GLU A 325 1.14 5.73 -12.90
CA GLU A 325 0.59 4.67 -12.06
C GLU A 325 0.08 3.48 -12.85
N GLY A 326 -0.49 3.74 -14.03
CA GLY A 326 -1.20 2.70 -14.77
C GLY A 326 -0.35 1.80 -15.63
N THR A 327 0.87 2.22 -16.00
CA THR A 327 1.61 1.48 -17.03
C THR A 327 1.94 0.05 -16.60
N ALA A 328 2.36 -0.15 -15.35
CA ALA A 328 2.79 -1.48 -14.92
C ALA A 328 1.73 -2.54 -15.20
N PHE A 329 0.46 -2.18 -15.08
CA PHE A 329 -0.59 -3.17 -15.24
C PHE A 329 -0.85 -3.54 -16.69
N LEU A 330 -0.33 -2.75 -17.63
CA LEU A 330 -0.69 -2.96 -19.04
C LEU A 330 -0.10 -4.27 -19.58
N VAL A 331 1.09 -4.64 -19.13
CA VAL A 331 1.74 -5.84 -19.62
C VAL A 331 1.38 -7.06 -18.77
N TYR A 332 0.32 -6.94 -17.96
CA TYR A 332 -0.24 -8.08 -17.25
C TYR A 332 -1.58 -8.49 -17.83
N GLY A 333 -1.82 -8.22 -19.11
CA GLY A 333 -3.07 -8.66 -19.72
C GLY A 333 -3.49 -7.93 -20.99
N ALA A 334 -3.08 -6.67 -21.16
CA ALA A 334 -3.62 -5.87 -22.26
C ALA A 334 -2.98 -6.26 -23.59
N PRO A 335 -3.77 -6.50 -24.64
CA PRO A 335 -3.21 -6.99 -25.90
C PRO A 335 -2.32 -5.95 -26.58
N GLY A 336 -1.27 -6.44 -27.24
CA GLY A 336 -0.33 -5.57 -27.91
C GLY A 336 0.76 -4.99 -27.03
N PHE A 337 0.69 -5.25 -25.72
CA PHE A 337 1.63 -4.66 -24.79
C PHE A 337 2.72 -5.66 -24.45
N SER A 338 3.95 -5.16 -24.26
CA SER A 338 5.03 -6.02 -23.81
C SER A 338 6.12 -5.16 -23.18
N LYS A 339 6.71 -5.66 -22.09
CA LYS A 339 7.84 -4.91 -21.55
C LYS A 339 9.05 -4.94 -22.46
N ASP A 340 9.06 -5.81 -23.49
CA ASP A 340 10.23 -6.03 -24.31
C ASP A 340 10.15 -5.37 -25.69
N ASN A 341 9.06 -4.67 -26.01
CA ASN A 341 9.04 -3.75 -27.14
C ASN A 341 8.35 -2.46 -26.70
N ASN A 342 8.13 -1.54 -27.63
CA ASN A 342 7.55 -0.24 -27.27
C ASN A 342 6.01 -0.22 -27.33
N SER A 343 5.35 -1.37 -27.44
CA SER A 343 3.91 -1.50 -27.24
C SER A 343 3.10 -0.41 -27.96
N ILE A 344 3.48 -0.09 -29.19
CA ILE A 344 2.66 0.83 -29.98
C ILE A 344 1.41 0.08 -30.40
N ILE A 345 0.28 0.38 -29.78
CA ILE A 345 -0.93 -0.37 -30.01
C ILE A 345 -1.89 0.45 -30.86
N THR A 346 -2.84 -0.25 -31.47
CA THR A 346 -3.84 0.34 -32.35
C THR A 346 -5.14 0.66 -31.60
N ARG A 347 -6.06 1.32 -32.31
CA ARG A 347 -7.34 1.70 -31.74
C ARG A 347 -8.13 0.48 -31.27
N LYS A 348 -8.11 -0.60 -32.05
CA LYS A 348 -8.86 -1.80 -31.70
C LYS A 348 -8.21 -2.54 -30.54
N GLU A 349 -6.88 -2.49 -30.46
CA GLU A 349 -6.19 -3.02 -29.28
C GLU A 349 -6.54 -2.23 -28.03
N PHE A 350 -6.52 -0.89 -28.13
CA PHE A 350 -7.00 -0.05 -27.04
C PHE A 350 -8.41 -0.46 -26.62
N GLN A 351 -9.34 -0.50 -27.58
CA GLN A 351 -10.70 -0.91 -27.29
C GLN A 351 -10.73 -2.28 -26.62
N GLU A 352 -9.89 -3.20 -27.10
CA GLU A 352 -9.81 -4.51 -26.48
C GLU A 352 -9.23 -4.41 -25.07
N GLY A 353 -8.28 -3.50 -24.88
CA GLY A 353 -7.72 -3.29 -23.54
C GLY A 353 -8.76 -2.84 -22.53
N LEU A 354 -9.65 -1.92 -22.93
CA LEU A 354 -10.70 -1.48 -22.01
C LEU A 354 -11.61 -2.63 -21.62
N LYS A 355 -11.87 -3.57 -22.55
CA LYS A 355 -12.68 -4.73 -22.18
C LYS A 355 -11.97 -5.57 -21.13
N ILE A 356 -10.63 -5.60 -21.17
CA ILE A 356 -9.86 -6.34 -20.17
C ILE A 356 -9.89 -5.61 -18.82
N PHE A 357 -9.73 -4.28 -18.83
CA PHE A 357 -9.73 -3.56 -17.57
C PHE A 357 -11.13 -3.26 -17.04
N PHE A 358 -12.16 -3.23 -17.86
CA PHE A 358 -13.51 -2.86 -17.41
C PHE A 358 -14.53 -3.93 -17.81
N PRO A 359 -14.35 -5.18 -17.34
CA PRO A 359 -15.10 -6.30 -17.92
C PRO A 359 -16.61 -6.20 -17.77
N GLY A 360 -17.11 -5.84 -16.59
CA GLY A 360 -18.54 -5.81 -16.37
C GLY A 360 -19.18 -4.46 -16.67
N VAL A 361 -18.54 -3.67 -17.54
CA VAL A 361 -18.99 -2.32 -17.84
C VAL A 361 -19.68 -2.33 -19.20
N SER A 362 -20.79 -1.60 -19.31
CA SER A 362 -21.59 -1.54 -20.53
C SER A 362 -20.76 -1.05 -21.71
N GLU A 363 -21.22 -1.42 -22.91
CA GLU A 363 -20.59 -0.91 -24.13
C GLU A 363 -20.56 0.61 -24.13
N PHE A 364 -21.58 1.24 -23.55
CA PHE A 364 -21.63 2.70 -23.54
C PHE A 364 -20.62 3.28 -22.57
N GLY A 365 -20.45 2.61 -21.42
CA GLY A 365 -19.40 3.02 -20.50
C GLY A 365 -18.02 2.94 -21.12
N LYS A 366 -17.74 1.86 -21.84
CA LYS A 366 -16.44 1.74 -22.49
C LYS A 366 -16.28 2.75 -23.61
N GLU A 367 -17.36 3.08 -24.32
CA GLU A 367 -17.28 4.12 -25.34
C GLU A 367 -17.01 5.49 -24.70
N SER A 368 -17.65 5.76 -23.56
CA SER A 368 -17.42 7.01 -22.87
C SER A 368 -15.96 7.18 -22.49
N ILE A 369 -15.32 6.12 -21.98
CA ILE A 369 -13.89 6.17 -21.68
C ILE A 369 -13.09 6.46 -22.95
N LEU A 370 -13.38 5.73 -24.02
CA LEU A 370 -12.69 5.98 -25.28
C LEU A 370 -12.85 7.43 -25.72
N PHE A 371 -14.06 7.98 -25.57
CA PHE A 371 -14.33 9.32 -26.06
C PHE A 371 -13.55 10.37 -25.27
N HIS A 372 -13.49 10.25 -23.95
CA HIS A 372 -12.80 11.24 -23.12
CA HIS A 372 -12.81 11.28 -23.19
C HIS A 372 -11.29 11.19 -23.30
N TYR A 373 -10.74 10.03 -23.60
CA TYR A 373 -9.28 9.88 -23.66
C TYR A 373 -8.73 9.82 -25.08
N THR A 374 -9.54 10.01 -26.13
CA THR A 374 -8.98 9.87 -27.48
C THR A 374 -9.24 11.06 -28.38
N ASP A 375 -9.46 12.24 -27.85
CA ASP A 375 -9.46 13.44 -28.69
C ASP A 375 -8.09 14.07 -28.55
N TRP A 376 -7.21 13.80 -29.52
CA TRP A 376 -5.79 14.04 -29.35
C TRP A 376 -5.38 15.48 -29.64
N VAL A 377 -4.39 15.94 -28.88
CA VAL A 377 -3.63 17.15 -29.16
C VAL A 377 -2.92 17.07 -30.52
N ASP A 378 -2.79 15.86 -31.07
CA ASP A 378 -2.11 15.58 -32.33
C ASP A 378 -2.36 14.11 -32.65
N ASP A 379 -3.16 13.85 -33.68
CA ASP A 379 -3.72 12.53 -33.93
C ASP A 379 -2.88 11.69 -34.88
N GLN A 380 -1.60 12.01 -35.06
CA GLN A 380 -0.72 11.20 -35.87
C GLN A 380 0.41 10.55 -35.07
N ARG A 381 0.51 10.84 -33.76
CA ARG A 381 1.49 10.17 -32.90
C ARG A 381 1.15 8.67 -32.78
N PRO A 382 2.09 7.77 -33.07
CA PRO A 382 1.79 6.34 -32.92
C PRO A 382 1.59 5.89 -31.48
N GLU A 383 2.13 6.62 -30.49
CA GLU A 383 1.97 6.24 -29.09
C GLU A 383 0.59 6.55 -28.52
N ASN A 384 -0.27 7.23 -29.30
CA ASN A 384 -1.47 7.86 -28.75
C ASN A 384 -2.30 6.86 -27.94
N TYR A 385 -2.61 5.70 -28.53
CA TYR A 385 -3.41 4.73 -27.80
C TYR A 385 -2.62 4.07 -26.65
N ARG A 386 -1.30 3.93 -26.81
CA ARG A 386 -0.52 3.27 -25.77
C ARG A 386 -0.53 4.11 -24.50
N GLU A 387 -0.35 5.42 -24.64
CA GLU A 387 -0.35 6.29 -23.47
C GLU A 387 -1.74 6.49 -22.92
N ALA A 388 -2.76 6.54 -23.80
CA ALA A 388 -4.11 6.74 -23.32
C ALA A 388 -4.55 5.60 -22.41
N LEU A 389 -4.20 4.36 -22.74
CA LEU A 389 -4.66 3.23 -21.94
C LEU A 389 -4.00 3.25 -20.56
N GLY A 390 -2.69 3.52 -20.51
CA GLY A 390 -2.01 3.69 -19.23
C GLY A 390 -2.58 4.79 -18.37
N ASP A 391 -2.90 5.95 -18.98
CA ASP A 391 -3.51 7.04 -18.23
C ASP A 391 -4.91 6.68 -17.75
N VAL A 392 -5.70 6.00 -18.59
CA VAL A 392 -7.01 5.52 -18.18
C VAL A 392 -6.89 4.69 -16.91
N VAL A 393 -5.97 3.72 -16.91
CA VAL A 393 -5.85 2.82 -15.76
C VAL A 393 -5.33 3.58 -14.53
N GLY A 394 -4.37 4.47 -14.74
CA GLY A 394 -3.81 5.21 -13.62
C GLY A 394 -4.80 6.21 -13.04
N ASP A 395 -5.48 6.98 -13.92
CA ASP A 395 -6.42 7.98 -13.43
C ASP A 395 -7.59 7.33 -12.70
N TYR A 396 -8.12 6.25 -13.26
CA TYR A 396 -9.29 5.59 -12.68
C TYR A 396 -8.96 4.92 -11.36
N ASN A 397 -7.80 4.28 -11.29
CA ASN A 397 -7.48 3.42 -10.16
C ASN A 397 -6.69 4.12 -9.07
N PHE A 398 -6.00 5.21 -9.38
CA PHE A 398 -5.08 5.76 -8.38
C PHE A 398 -5.16 7.27 -8.24
N ILE A 399 -4.93 8.01 -9.32
CA ILE A 399 -4.74 9.45 -9.20
C ILE A 399 -6.04 10.13 -8.78
N CYS A 400 -7.11 9.92 -9.57
CA CYS A 400 -8.39 10.53 -9.24
C CYS A 400 -8.95 10.14 -7.86
N PRO A 401 -8.92 8.89 -7.41
CA PRO A 401 -9.39 8.63 -6.04
C PRO A 401 -8.51 9.26 -4.96
N ALA A 402 -7.19 9.32 -5.16
CA ALA A 402 -6.34 10.02 -4.20
C ALA A 402 -6.69 11.50 -4.14
N LEU A 403 -6.87 12.13 -5.30
CA LEU A 403 -7.26 13.54 -5.30
C LEU A 403 -8.57 13.72 -4.57
N GLU A 404 -9.56 12.86 -4.87
CA GLU A 404 -10.88 13.00 -4.24
C GLU A 404 -10.80 12.76 -2.73
N PHE A 405 -10.02 11.78 -2.30
CA PHE A 405 -9.84 11.56 -0.88
C PHE A 405 -9.29 12.82 -0.20
N THR A 406 -8.24 13.41 -0.79
CA THR A 406 -7.60 14.58 -0.20
C THR A 406 -8.54 15.78 -0.17
N LYS A 407 -9.28 16.05 -1.27
CA LYS A 407 -10.25 17.14 -1.27
C LYS A 407 -11.23 16.97 -0.12
N LYS A 408 -11.76 15.76 0.02
CA LYS A 408 -12.86 15.59 0.95
C LYS A 408 -12.37 15.47 2.38
N PHE A 409 -11.15 14.97 2.58
CA PHE A 409 -10.58 14.94 3.91
C PHE A 409 -10.22 16.33 4.39
N SER A 410 -9.66 17.16 3.51
CA SER A 410 -9.30 18.51 3.90
C SER A 410 -10.52 19.40 4.10
N GLU A 411 -11.67 19.08 3.50
CA GLU A 411 -12.88 19.88 3.70
C GLU A 411 -13.31 19.96 5.16
N TRP A 412 -12.71 19.15 6.04
CA TRP A 412 -13.07 19.16 7.46
C TRP A 412 -12.00 19.83 8.31
N GLY A 413 -11.15 20.66 7.71
CA GLY A 413 -10.31 21.56 8.47
C GLY A 413 -8.90 21.09 8.76
N ASN A 414 -8.52 19.88 8.37
CA ASN A 414 -7.17 19.41 8.62
C ASN A 414 -6.25 19.77 7.47
N ASN A 415 -4.99 20.03 7.80
CA ASN A 415 -3.99 20.30 6.78
C ASN A 415 -3.68 19.04 5.98
N ALA A 416 -3.59 19.22 4.67
CA ALA A 416 -3.27 18.13 3.77
C ALA A 416 -2.20 18.59 2.81
N PHE A 417 -1.31 17.67 2.45
CA PHE A 417 -0.24 17.96 1.50
C PHE A 417 -0.25 16.91 0.40
N PHE A 418 -0.26 17.37 -0.85
CA PHE A 418 -0.34 16.48 -2.00
C PHE A 418 0.94 16.63 -2.84
N TYR A 419 1.51 15.49 -3.24
CA TYR A 419 2.67 15.47 -4.12
C TYR A 419 2.35 14.71 -5.40
N TYR A 420 3.14 15.03 -6.42
CA TYR A 420 3.07 14.40 -7.73
C TYR A 420 4.50 13.96 -8.05
N PHE A 421 4.79 12.68 -7.86
CA PHE A 421 6.14 12.15 -8.09
C PHE A 421 6.35 11.86 -9.57
N GLU A 422 7.39 12.47 -10.16
CA GLU A 422 7.57 12.31 -11.60
C GLU A 422 9.02 12.07 -11.99
N HIS A 423 9.82 11.47 -11.11
CA HIS A 423 11.17 11.03 -11.47
C HIS A 423 11.19 9.55 -11.80
N ARG A 424 11.61 9.21 -13.03
CA ARG A 424 11.90 7.82 -13.36
C ARG A 424 13.30 7.44 -12.88
N SER A 425 13.38 6.37 -12.09
CA SER A 425 14.65 5.95 -11.51
C SER A 425 15.64 5.57 -12.61
N SER A 426 16.91 5.96 -12.42
CA SER A 426 17.97 5.62 -13.37
C SER A 426 18.19 4.12 -13.47
N LYS A 427 18.00 3.39 -12.38
CA LYS A 427 18.20 1.95 -12.34
C LYS A 427 16.95 1.14 -12.71
N LEU A 428 15.90 1.77 -13.22
CA LEU A 428 14.60 1.10 -13.25
C LEU A 428 14.57 0.01 -14.32
N PRO A 429 14.31 -1.26 -13.97
CA PRO A 429 14.41 -2.36 -14.95
C PRO A 429 13.36 -2.35 -16.05
N TRP A 430 12.20 -1.74 -15.85
CA TRP A 430 11.17 -1.77 -16.88
C TRP A 430 11.51 -0.79 -18.01
N PRO A 431 10.93 -0.96 -19.19
CA PRO A 431 11.29 -0.08 -20.33
C PRO A 431 10.87 1.36 -20.10
N GLU A 432 11.44 2.25 -20.90
CA GLU A 432 11.20 3.68 -20.75
C GLU A 432 9.75 4.08 -21.04
N TRP A 433 9.06 3.35 -21.93
CA TRP A 433 7.68 3.74 -22.21
C TRP A 433 6.77 3.56 -21.02
N MET A 434 7.22 2.85 -19.99
CA MET A 434 6.38 2.70 -18.80
C MET A 434 6.48 3.89 -17.87
N GLY A 435 7.51 4.74 -18.02
CA GLY A 435 7.54 6.02 -17.33
C GLY A 435 7.82 5.90 -15.84
N VAL A 436 7.07 6.68 -15.06
CA VAL A 436 7.27 6.80 -13.61
C VAL A 436 6.27 5.85 -12.95
N MET A 437 6.69 4.61 -12.73
CA MET A 437 5.74 3.52 -12.52
C MET A 437 5.20 3.47 -11.09
N HIS A 438 4.13 2.71 -10.95
CA HIS A 438 3.57 2.34 -9.65
C HIS A 438 4.60 1.64 -8.76
N GLY A 439 4.80 2.18 -7.56
CA GLY A 439 5.66 1.58 -6.56
C GLY A 439 7.10 2.03 -6.60
N TYR A 440 7.46 2.89 -7.55
CA TYR A 440 8.87 3.23 -7.78
C TYR A 440 9.20 4.61 -7.27
N GLU A 441 8.37 5.14 -6.37
CA GLU A 441 8.80 6.17 -5.44
C GLU A 441 9.28 5.58 -4.13
N ILE A 442 8.95 4.31 -3.86
CA ILE A 442 9.20 3.74 -2.53
C ILE A 442 10.69 3.77 -2.19
N GLU A 443 11.55 3.36 -3.14
CA GLU A 443 12.97 3.33 -2.83
C GLU A 443 13.49 4.74 -2.55
N PHE A 444 12.89 5.76 -3.15
CA PHE A 444 13.30 7.12 -2.84
C PHE A 444 12.85 7.51 -1.45
N VAL A 445 11.67 7.04 -1.03
CA VAL A 445 11.19 7.38 0.30
C VAL A 445 12.07 6.75 1.37
N PHE A 446 12.52 5.51 1.14
CA PHE A 446 13.29 4.76 2.13
C PHE A 446 14.77 5.11 2.10
N GLY A 447 15.20 5.97 1.17
CA GLY A 447 16.55 6.49 1.19
C GLY A 447 17.59 5.60 0.57
N LEU A 448 17.19 4.69 -0.32
CA LEU A 448 18.17 3.82 -0.97
C LEU A 448 19.14 4.60 -1.87
N PRO A 449 18.73 5.66 -2.58
CA PRO A 449 19.72 6.47 -3.28
C PRO A 449 20.74 7.14 -2.37
N LEU A 450 20.46 7.26 -1.07
CA LEU A 450 21.51 7.77 -0.20
C LEU A 450 22.73 6.85 -0.18
N GLU A 451 22.54 5.57 -0.50
CA GLU A 451 23.63 4.60 -0.59
C GLU A 451 24.42 4.86 -1.86
N ARG A 452 25.55 5.55 -1.72
CA ARG A 452 26.29 6.02 -2.87
C ARG A 452 26.91 4.87 -3.65
N ARG A 453 27.04 3.70 -3.03
CA ARG A 453 27.53 2.54 -3.77
C ARG A 453 26.61 2.17 -4.92
N ASP A 454 25.36 1.81 -4.62
CA ASP A 454 24.57 1.06 -5.59
C ASP A 454 23.88 1.99 -6.61
N GLN A 455 24.69 2.70 -7.37
CA GLN A 455 24.46 3.08 -8.78
C GLN A 455 23.49 4.22 -9.07
N TYR A 456 22.92 4.91 -8.09
CA TYR A 456 22.04 6.02 -8.42
C TYR A 456 22.86 7.25 -8.83
N THR A 457 22.27 8.07 -9.70
CA THR A 457 22.91 9.33 -10.04
C THR A 457 22.92 10.26 -8.83
N LYS A 458 23.78 11.29 -8.88
CA LYS A 458 23.87 12.21 -7.76
C LYS A 458 22.60 13.04 -7.61
N ALA A 459 21.91 13.32 -8.72
CA ALA A 459 20.62 14.00 -8.62
C ALA A 459 19.64 13.14 -7.84
N GLU A 460 19.69 11.82 -8.03
CA GLU A 460 18.78 10.94 -7.30
C GLU A 460 19.08 10.97 -5.82
N GLU A 461 20.36 10.97 -5.44
CA GLU A 461 20.73 11.10 -4.04
C GLU A 461 20.12 12.36 -3.44
N ILE A 462 20.24 13.48 -4.16
CA ILE A 462 19.69 14.73 -3.65
C ILE A 462 18.17 14.64 -3.50
N LEU A 463 17.47 14.07 -4.50
CA LEU A 463 16.01 13.97 -4.42
C LEU A 463 15.59 13.08 -3.26
N SER A 464 16.22 11.92 -3.12
CA SER A 464 15.92 11.05 -2.00
C SER A 464 16.18 11.74 -0.67
N ARG A 465 17.27 12.50 -0.59
CA ARG A 465 17.64 13.15 0.67
C ARG A 465 16.60 14.18 1.09
N SER A 466 16.00 14.87 0.12
N SER A 466 15.98 14.87 0.13
CA SER A 466 14.99 15.87 0.45
CA SER A 466 14.99 15.86 0.51
C SER A 466 13.66 15.21 0.80
C SER A 466 13.64 15.22 0.79
N ILE A 467 13.27 14.18 0.04
CA ILE A 467 12.03 13.45 0.34
C ILE A 467 12.10 12.86 1.75
N VAL A 468 13.24 12.26 2.09
CA VAL A 468 13.42 11.70 3.43
C VAL A 468 13.24 12.77 4.49
N LYS A 469 13.84 13.94 4.27
CA LYS A 469 13.67 15.03 5.22
C LYS A 469 12.21 15.48 5.29
N ARG A 470 11.59 15.68 4.12
CA ARG A 470 10.18 16.07 4.11
C ARG A 470 9.28 15.03 4.78
N TRP A 471 9.54 13.74 4.56
CA TRP A 471 8.70 12.73 5.22
C TRP A 471 8.90 12.78 6.74
N ALA A 472 10.16 12.90 7.18
CA ALA A 472 10.45 12.88 8.61
C ALA A 472 9.94 14.15 9.27
N ASN A 473 10.05 15.29 8.57
CA ASN A 473 9.48 16.51 9.13
C ASN A 473 7.97 16.40 9.24
N PHE A 474 7.35 15.72 8.27
CA PHE A 474 5.91 15.51 8.38
C PHE A 474 5.60 14.60 9.56
N ALA A 475 6.38 13.54 9.77
CA ALA A 475 6.10 12.66 10.90
C ALA A 475 6.31 13.39 12.21
N LYS A 476 7.46 14.05 12.35
CA LYS A 476 7.80 14.70 13.62
C LYS A 476 6.87 15.87 13.90
N TYR A 477 6.66 16.74 12.89
CA TYR A 477 6.02 18.02 13.15
C TYR A 477 4.74 18.28 12.39
N GLY A 478 4.24 17.34 11.62
CA GLY A 478 3.06 17.62 10.81
C GLY A 478 3.28 18.53 9.62
N ASN A 479 4.52 18.81 9.23
CA ASN A 479 4.72 19.77 8.14
C ASN A 479 5.88 19.36 7.24
N PRO A 480 5.60 18.96 5.96
CA PRO A 480 6.62 18.34 5.11
C PRO A 480 7.51 19.34 4.37
N GLN A 481 8.05 20.30 5.11
CA GLN A 481 8.98 21.26 4.54
C GLN A 481 10.41 20.74 4.65
N GLU A 482 11.27 21.26 3.78
CA GLU A 482 12.72 21.18 3.92
C GLU A 482 13.18 22.63 4.14
N THR A 483 13.48 22.98 5.39
CA THR A 483 13.63 24.39 5.76
C THR A 483 15.03 24.99 5.54
N GLN A 484 16.06 24.20 5.21
CA GLN A 484 17.40 24.76 5.24
C GLN A 484 17.93 25.12 3.84
N ASN A 485 18.33 24.12 3.09
CA ASN A 485 18.57 24.30 1.66
C ASN A 485 17.35 24.95 1.04
N GLN A 486 17.58 25.96 0.21
CA GLN A 486 16.54 26.92 -0.15
C GLN A 486 15.50 26.23 -1.04
N SER A 487 14.62 25.47 -0.38
CA SER A 487 13.68 24.55 -1.00
C SER A 487 12.31 25.20 -1.16
N THR A 488 11.63 24.85 -2.23
CA THR A 488 10.22 25.23 -2.41
C THR A 488 9.41 24.84 -1.19
N SER A 489 8.61 25.78 -0.69
CA SER A 489 7.66 25.44 0.35
C SER A 489 6.52 24.62 -0.24
N TRP A 490 6.03 23.68 0.56
CA TRP A 490 4.97 22.80 0.14
C TRP A 490 3.69 23.39 0.71
N PRO A 491 2.82 23.97 -0.11
CA PRO A 491 1.59 24.57 0.42
C PRO A 491 0.58 23.50 0.80
N VAL A 492 -0.30 23.86 1.73
CA VAL A 492 -1.37 22.93 2.07
C VAL A 492 -2.32 22.81 0.89
N PHE A 493 -2.90 21.61 0.75
CA PHE A 493 -3.90 21.35 -0.27
C PHE A 493 -5.28 21.74 0.27
N LYS A 494 -5.90 22.75 -0.34
CA LYS A 494 -7.24 23.19 0.01
C LYS A 494 -8.17 22.85 -1.14
N SER A 495 -9.44 22.57 -0.81
CA SER A 495 -10.36 22.04 -1.81
C SER A 495 -10.66 23.03 -2.93
N THR A 496 -10.35 24.32 -2.73
CA THR A 496 -10.53 25.32 -3.78
C THR A 496 -9.29 25.46 -4.66
N GLU A 497 -8.12 25.82 -4.07
CA GLU A 497 -6.93 26.02 -4.89
C GLU A 497 -6.37 24.69 -5.42
N GLN A 498 -6.39 23.65 -4.59
CA GLN A 498 -5.84 22.35 -4.96
C GLN A 498 -4.39 22.47 -5.41
N LYS A 499 -3.59 23.13 -4.61
CA LYS A 499 -2.16 23.21 -4.86
C LYS A 499 -1.49 21.90 -4.46
N TYR A 500 -0.53 21.46 -5.28
CA TYR A 500 0.27 20.27 -5.02
C TYR A 500 1.72 20.51 -5.40
N LEU A 501 2.59 19.61 -4.94
CA LEU A 501 4.03 19.75 -5.12
C LEU A 501 4.56 18.65 -6.04
N THR A 502 5.32 19.03 -7.07
CA THR A 502 5.96 18.04 -7.91
C THR A 502 7.35 17.70 -7.36
N LEU A 503 7.68 16.43 -7.39
CA LEU A 503 8.98 15.94 -6.93
C LEU A 503 9.75 15.40 -8.13
N ASN A 504 10.95 15.93 -8.34
CA ASN A 504 11.76 15.49 -9.46
C ASN A 504 13.17 16.00 -9.21
N THR A 505 14.10 15.53 -10.03
CA THR A 505 15.50 15.87 -9.84
C THR A 505 15.86 17.25 -10.36
N GLU A 506 15.10 17.76 -11.33
CA GLU A 506 15.32 19.12 -11.81
C GLU A 506 14.56 20.14 -10.98
N SER A 507 13.48 20.71 -11.53
CA SER A 507 12.77 21.83 -10.92
C SER A 507 11.57 21.33 -10.12
N THR A 508 11.60 21.56 -8.82
CA THR A 508 10.46 21.28 -7.95
C THR A 508 9.50 22.46 -7.95
N ARG A 509 8.24 22.23 -8.36
CA ARG A 509 7.31 23.32 -8.63
C ARG A 509 5.97 23.15 -7.94
N ILE A 510 5.31 24.30 -7.67
CA ILE A 510 3.95 24.34 -7.16
C ILE A 510 2.99 24.44 -8.33
N MET A 511 2.01 23.53 -8.36
CA MET A 511 1.03 23.38 -9.42
C MET A 511 -0.35 23.27 -8.80
N THR A 512 -1.38 23.24 -9.65
CA THR A 512 -2.77 23.31 -9.21
C THR A 512 -3.65 22.37 -10.03
N LYS A 513 -4.63 21.75 -9.37
CA LYS A 513 -5.71 21.02 -10.04
C LYS A 513 -5.17 19.92 -10.94
N LEU A 514 -4.49 18.95 -10.33
CA LEU A 514 -3.92 17.84 -11.09
C LEU A 514 -5.02 17.05 -11.82
N ARG A 515 -4.74 16.73 -13.09
CA ARG A 515 -5.61 15.92 -13.95
C ARG A 515 -7.09 16.29 -13.78
N ALA A 516 -7.36 17.60 -13.76
CA ALA A 516 -8.71 18.08 -13.48
C ALA A 516 -9.74 17.58 -14.50
N GLN A 517 -9.41 17.64 -15.79
CA GLN A 517 -10.34 17.19 -16.81
C GLN A 517 -10.61 15.68 -16.69
N GLN A 518 -9.55 14.89 -16.54
CA GLN A 518 -9.72 13.46 -16.44
C GLN A 518 -10.49 13.08 -15.19
N CYS A 519 -10.22 13.75 -14.07
CA CYS A 519 -10.84 13.31 -12.84
C CYS A 519 -12.31 13.73 -12.76
N ARG A 520 -12.73 14.80 -13.45
CA ARG A 520 -14.16 15.11 -13.51
C ARG A 520 -14.92 13.99 -14.20
N PHE A 521 -14.34 13.41 -15.26
CA PHE A 521 -14.97 12.28 -15.92
C PHE A 521 -15.10 11.09 -14.97
N TRP A 522 -14.03 10.76 -14.25
CA TRP A 522 -13.99 9.53 -13.46
C TRP A 522 -14.83 9.63 -12.19
N THR A 523 -14.85 10.80 -11.56
CA THR A 523 -15.37 10.94 -10.21
C THR A 523 -16.80 11.42 -10.18
N SER A 524 -17.26 12.11 -11.23
CA SER A 524 -18.67 12.51 -11.36
C SER A 524 -19.40 11.67 -12.40
N PHE A 525 -19.02 11.73 -13.67
CA PHE A 525 -19.74 10.98 -14.71
C PHE A 525 -19.64 9.47 -14.49
N PHE A 526 -18.44 8.91 -14.64
CA PHE A 526 -18.28 7.46 -14.75
C PHE A 526 -18.91 6.63 -13.62
N PRO A 527 -18.92 7.06 -12.35
CA PRO A 527 -19.61 6.26 -11.32
C PRO A 527 -21.06 5.98 -11.65
N LYS A 528 -21.64 6.65 -12.64
CA LYS A 528 -23.03 6.43 -12.99
C LYS A 528 -23.23 5.35 -14.02
N VAL A 529 -22.31 5.20 -14.97
CA VAL A 529 -22.49 4.21 -16.04
C VAL A 529 -22.62 2.79 -15.48
C1 NAG B . -21.32 -15.28 -8.56
C2 NAG B . -21.01 -14.51 -9.85
C3 NAG B . -21.55 -15.26 -11.07
C4 NAG B . -21.03 -16.70 -11.08
C5 NAG B . -21.39 -17.38 -9.76
C6 NAG B . -20.81 -18.78 -9.66
C7 NAG B . -21.00 -12.11 -10.41
C8 NAG B . -21.72 -10.80 -10.27
N2 NAG B . -21.57 -13.16 -9.81
O3 NAG B . -21.16 -14.61 -12.27
O4 NAG B . -21.58 -17.40 -12.20
O5 NAG B . -20.84 -16.63 -8.68
O6 NAG B . -19.62 -18.91 -10.42
O7 NAG B . -19.96 -12.20 -11.06
C1 NAG B . -21.33 -17.86 -13.46
C2 NAG B . -22.00 -19.07 -14.14
C3 NAG B . -21.14 -19.56 -15.31
C4 NAG B . -20.88 -18.42 -16.28
C5 NAG B . -20.25 -17.23 -15.56
C6 NAG B . -20.08 -16.02 -16.45
C7 NAG B . -23.28 -20.16 -12.36
C8 NAG B . -23.36 -21.34 -11.43
N2 NAG B . -22.23 -20.13 -13.19
O3 NAG B . -21.78 -20.63 -15.98
O4 NAG B . -20.03 -18.84 -17.34
O5 NAG B . -21.07 -16.83 -14.45
O6 NAG B . -20.51 -14.83 -15.80
O7 NAG B . -24.13 -19.28 -12.35
C1 FUC B . -18.69 -19.73 -11.02
C2 FUC B . -17.66 -19.43 -12.12
C3 FUC B . -16.32 -18.95 -11.48
C4 FUC B . -15.82 -19.99 -10.45
C5 FUC B . -16.98 -20.43 -9.47
C6 FUC B . -16.64 -21.66 -8.62
O2 FUC B . -18.14 -18.51 -13.10
O3 FUC B . -15.29 -18.79 -12.47
O4 FUC B . -15.22 -21.09 -11.11
O5 FUC B . -18.22 -20.74 -10.15
C1 NAG C . 20.11 -16.64 20.64
C2 NAG C . 20.24 -18.18 20.62
C3 NAG C . 21.36 -18.65 21.57
C4 NAG C . 22.66 -17.91 21.29
C5 NAG C . 22.41 -16.41 21.42
C6 NAG C . 23.64 -15.57 21.17
C7 NAG C . 18.29 -19.57 20.14
C8 NAG C . 17.00 -20.13 20.67
N2 NAG C . 18.98 -18.81 20.97
O3 NAG C . 21.54 -20.05 21.41
O4 NAG C . 23.72 -18.34 22.14
O5 NAG C . 21.43 -16.03 20.44
O6 NAG C . 23.86 -15.34 19.79
O7 NAG C . 18.67 -19.81 18.99
C1 NAG C . 24.85 -19.14 22.27
C2 NAG C . 26.12 -19.17 23.16
C3 NAG C . 27.02 -20.37 22.82
C4 NAG C . 26.22 -21.67 22.82
C5 NAG C . 25.07 -21.53 21.84
C6 NAG C . 24.22 -22.76 21.72
C7 NAG C . 27.49 -17.48 21.98
C8 NAG C . 28.22 -16.18 22.11
N2 NAG C . 26.87 -17.92 23.07
O3 NAG C . 28.09 -20.47 23.76
O4 NAG C . 27.05 -22.76 22.45
O5 NAG C . 24.21 -20.46 22.28
O6 NAG C . 24.67 -23.59 20.65
O7 NAG C . 27.46 -18.09 20.90
C1 FUC C . 25.01 -15.60 19.09
C2 FUC C . 25.29 -15.38 17.60
C3 FUC C . 25.17 -13.88 17.26
C4 FUC C . 26.16 -13.06 18.14
C5 FUC C . 25.91 -13.36 19.63
C6 FUC C . 27.00 -12.80 20.55
O2 FUC C . 24.44 -16.16 16.76
O3 FUC C . 25.47 -13.65 15.87
O4 FUC C . 27.53 -13.34 17.81
O5 FUC C . 25.84 -14.80 19.93
C1 NAG D . 5.11 -6.34 -28.77
C2 NAG D . 4.55 -6.31 -30.21
C3 NAG D . 3.17 -6.96 -30.26
C4 NAG D . 3.19 -8.33 -29.62
C5 NAG D . 3.76 -8.21 -28.21
C6 NAG D . 3.86 -9.53 -27.47
C7 NAG D . 5.54 -4.32 -31.28
C8 NAG D . 5.30 -2.92 -31.74
N2 NAG D . 4.50 -4.95 -30.71
O3 NAG D . 2.75 -7.06 -31.62
O4 NAG D . 1.89 -8.89 -29.59
O5 NAG D . 5.09 -7.66 -28.28
O6 NAG D . 4.13 -10.62 -28.36
O7 NAG D . 6.62 -4.87 -31.43
C1 NAG D . 1.63 -9.96 -30.41
C2 NAG D . 0.35 -10.63 -29.92
C3 NAG D . -0.15 -11.64 -30.96
C4 NAG D . -0.21 -11.05 -32.36
C5 NAG D . 1.08 -10.30 -32.71
C6 NAG D . 0.97 -9.51 -34.00
C7 NAG D . 0.12 -10.78 -27.49
C8 NAG D . 0.43 -11.59 -26.26
N2 NAG D . 0.57 -11.27 -28.64
O3 NAG D . -1.45 -12.08 -30.57
O4 NAG D . -0.42 -12.09 -33.31
O5 NAG D . 1.40 -9.36 -31.68
O6 NAG D . 0.39 -8.23 -33.77
O7 NAG D . -0.50 -9.72 -27.42
C1 FUC D . 5.11 -11.27 -27.65
C2 FUC D . 5.41 -12.50 -28.52
C3 FUC D . 6.40 -12.17 -29.65
C4 FUC D . 7.63 -11.34 -29.15
C5 FUC D . 7.17 -10.19 -28.21
C6 FUC D . 8.30 -9.41 -27.49
O2 FUC D . 4.21 -13.08 -29.04
O3 FUC D . 6.90 -13.38 -30.20
O4 FUC D . 8.59 -12.18 -28.52
O5 FUC D . 6.29 -10.70 -27.19
C1 NAG E . 7.92 12.09 25.19
C2 NAG E . 7.96 12.20 26.74
C3 NAG E . 6.53 12.28 27.31
C4 NAG E . 5.77 13.42 26.66
C5 NAG E . 5.78 13.25 25.15
C6 NAG E . 5.10 14.38 24.40
C7 NAG E . 10.01 10.99 27.34
C8 NAG E . 10.58 9.77 27.99
N2 NAG E . 8.68 11.09 27.34
O3 NAG E . 6.58 12.44 28.72
O4 NAG E . 4.43 13.46 27.15
O5 NAG E . 7.13 13.18 24.66
O6 NAG E . 5.09 14.18 22.99
O7 NAG E . 10.73 11.85 26.82
C1 FUC E . 4.97 15.18 22.07
C2 FUC E . 6.23 15.44 21.23
C3 FUC E . 6.20 14.68 19.86
C4 FUC E . 4.76 14.63 19.17
C5 FUC E . 3.57 14.61 20.19
C6 FUC E . 2.22 15.02 19.59
O2 FUC E . 7.46 15.15 21.97
O3 FUC E . 7.14 15.29 18.94
O4 FUC E . 4.59 15.65 18.18
O5 FUC E . 3.80 15.48 21.33
S DMS F . 3.07 -2.82 -4.95
O DMS F . 1.77 -3.41 -5.38
C1 DMS F . 3.95 -4.03 -3.89
C2 DMS F . 4.20 -2.88 -6.36
C1 GOL G . -13.14 -5.00 -5.50
O1 GOL G . -12.48 -5.98 -4.71
C2 GOL G . -13.04 -5.38 -7.04
O2 GOL G . -14.08 -6.18 -7.45
C3 GOL G . -11.64 -6.03 -7.27
O3 GOL G . -11.83 -7.10 -8.15
C02 L3H H . -1.49 -6.62 -7.30
C04 L3H H . -3.26 -4.80 -7.37
C05 L3H H . -2.40 -3.69 -7.13
C06 L3H H . -2.92 -2.41 -6.90
C07 L3H H . -4.29 -2.16 -6.89
C08 L3H H . -5.13 -3.23 -7.13
C09 L3H H . -4.64 -4.53 -7.36
C11 L3H H . 0.37 -8.21 -7.65
C12 L3H H . 0.57 -9.70 -8.11
C13 L3H H . 0.33 -9.89 -9.60
C14 L3H H . 1.21 -8.96 -10.42
C16 L3H H . 1.30 -7.31 -8.54
C17 L3H H . 1.74 -6.54 -10.93
C18 L3H H . 1.28 -5.07 -10.73
C19 L3H H . 2.51 -4.29 -10.36
C20 L3H H . 3.65 -5.15 -10.33
C21 L3H H . 3.26 -6.56 -10.67
C22 L3H H . 4.90 -4.62 -9.99
C23 L3H H . 5.04 -3.26 -9.70
C24 L3H H . 3.93 -2.41 -9.74
C25 L3H H . 2.67 -2.93 -10.07
N03 L3H H . -2.76 -6.15 -7.63
N15 L3H H . 0.96 -7.48 -10.00
O01 L3H H . -0.67 -6.01 -6.61
O10 L3H H . -1.03 -7.90 -7.72
C1 GOL I . 17.85 -4.95 7.17
O1 GOL I . 18.01 -3.75 7.85
C2 GOL I . 19.23 -5.32 6.51
O2 GOL I . 20.09 -4.21 6.38
C3 GOL I . 19.80 -6.46 7.39
O3 GOL I . 19.06 -7.60 7.05
C1 NAG J . -23.85 -24.55 12.62
C2 NAG J . -25.00 -24.61 13.63
C3 NAG J . -24.53 -24.10 15.00
C4 NAG J . -23.26 -24.84 15.45
C5 NAG J . -22.19 -24.74 14.37
C6 NAG J . -20.92 -25.49 14.69
C7 NAG J . -27.07 -24.30 12.34
C8 NAG J . -28.17 -23.34 11.98
N2 NAG J . -26.13 -23.82 13.17
O3 NAG J . -25.56 -24.27 15.96
O4 NAG J . -22.76 -24.29 16.67
O5 NAG J . -22.70 -25.28 13.14
O6 NAG J . -21.17 -26.78 15.22
O7 NAG J . -27.04 -25.45 11.92
C1 NAG K . 21.53 20.35 1.98
C2 NAG K . 21.26 18.88 2.27
C3 NAG K . 22.52 18.21 2.84
C4 NAG K . 23.70 18.42 1.90
C5 NAG K . 23.92 19.90 1.63
C6 NAG K . 24.99 20.16 0.59
C7 NAG K . 18.91 18.32 2.82
C8 NAG K . 17.91 18.17 3.93
N2 NAG K . 20.15 18.70 3.19
O3 NAG K . 22.30 16.82 3.04
O4 NAG K . 24.90 17.89 2.48
O5 NAG K . 22.70 20.48 1.12
O6 NAG K . 26.25 20.45 1.17
O7 NAG K . 18.60 18.11 1.64
S SO4 L . 13.95 22.72 -4.70
O1 SO4 L . 12.93 22.80 -3.65
O2 SO4 L . 14.12 21.32 -5.11
O3 SO4 L . 15.21 23.23 -4.15
O4 SO4 L . 13.53 23.52 -5.85
S SO4 M . -4.28 21.25 11.32
O1 SO4 M . -4.08 20.98 12.74
O2 SO4 M . -4.34 20.00 10.55
O3 SO4 M . -3.16 22.06 10.83
O4 SO4 M . -5.54 21.99 11.16
#